data_2OMQ
# 
_entry.id   2OMQ 
# 
_audit_conform.dict_name       mmcif_pdbx.dic 
_audit_conform.dict_version    5.389 
_audit_conform.dict_location   http://mmcif.pdb.org/dictionaries/ascii/mmcif_pdbx.dic 
# 
loop_
_database_2.database_id 
_database_2.database_code 
_database_2.pdbx_database_accession 
_database_2.pdbx_DOI 
PDB   2OMQ         pdb_00002omq 10.2210/pdb2omq/pdb 
RCSB  RCSB041327   ?            ?                   
WWPDB D_1000041327 ?            ?                   
# 
loop_
_pdbx_audit_revision_history.ordinal 
_pdbx_audit_revision_history.data_content_type 
_pdbx_audit_revision_history.major_revision 
_pdbx_audit_revision_history.minor_revision 
_pdbx_audit_revision_history.revision_date 
1 'Structure model' 1 0 2007-01-30 
2 'Structure model' 1 1 2008-05-01 
3 'Structure model' 1 2 2011-07-13 
4 'Structure model' 1 3 2014-06-25 
5 'Structure model' 1 4 2015-04-22 
6 'Structure model' 1 5 2017-10-18 
7 'Structure model' 1 6 2023-12-27 
8 'Structure model' 1 7 2024-04-03 
# 
_pdbx_audit_revision_details.ordinal             1 
_pdbx_audit_revision_details.revision_ordinal    1 
_pdbx_audit_revision_details.data_content_type   'Structure model' 
_pdbx_audit_revision_details.provider            repository 
_pdbx_audit_revision_details.type                'Initial release' 
_pdbx_audit_revision_details.description         ? 
_pdbx_audit_revision_details.details             ? 
# 
loop_
_pdbx_audit_revision_group.ordinal 
_pdbx_audit_revision_group.revision_ordinal 
_pdbx_audit_revision_group.data_content_type 
_pdbx_audit_revision_group.group 
1 2 'Structure model' 'Version format compliance' 
2 3 'Structure model' 'Version format compliance' 
3 4 'Structure model' Other                       
4 5 'Structure model' 'Structure summary'         
5 6 'Structure model' 'Refinement description'    
6 7 'Structure model' 'Data collection'           
7 7 'Structure model' 'Database references'       
8 8 'Structure model' 'Refinement description'    
# 
loop_
_pdbx_audit_revision_category.ordinal 
_pdbx_audit_revision_category.revision_ordinal 
_pdbx_audit_revision_category.data_content_type 
_pdbx_audit_revision_category.category 
1 6 'Structure model' software                      
2 7 'Structure model' chem_comp_atom                
3 7 'Structure model' chem_comp_bond                
4 7 'Structure model' database_2                    
5 8 'Structure model' pdbx_initial_refinement_model 
# 
loop_
_pdbx_audit_revision_item.ordinal 
_pdbx_audit_revision_item.revision_ordinal 
_pdbx_audit_revision_item.data_content_type 
_pdbx_audit_revision_item.item 
1 7 'Structure model' '_database_2.pdbx_DOI'                
2 7 'Structure model' '_database_2.pdbx_database_accession' 
# 
_pdbx_database_status.entry_id                        2OMQ 
_pdbx_database_status.deposit_site                    RCSB 
_pdbx_database_status.process_site                    RCSB 
_pdbx_database_status.recvd_initial_deposition_date   2007-01-22 
_pdbx_database_status.status_code                     REL 
_pdbx_database_status.status_code_sf                  REL 
_pdbx_database_status.status_code_mr                  ? 
_pdbx_database_status.SG_entry                        ? 
_pdbx_database_status.status_code_cs                  ? 
_pdbx_database_status.methods_development_category    ? 
_pdbx_database_status.pdb_format_compatible           Y 
_pdbx_database_status.status_code_nmr_data            ? 
# 
loop_
_audit_author.name 
_audit_author.pdbx_ordinal 
'Ivanova, M.'   1 
'Sawaya, M.R.'  2 
'Eisenberg, D.' 3 
# 
_citation.id                        primary 
_citation.title                     'Atomic structures of amyloid cross-beta spines reveal varied steric zippers.' 
_citation.journal_abbrev            Nature 
_citation.journal_volume            447 
_citation.page_first                453 
_citation.page_last                 457 
_citation.year                      2007 
_citation.journal_id_ASTM           NATUAS 
_citation.country                   UK 
_citation.journal_id_ISSN           0028-0836 
_citation.journal_id_CSD            0006 
_citation.book_publisher            ? 
_citation.pdbx_database_id_PubMed   17468747 
_citation.pdbx_database_id_DOI      10.1038/nature05695 
# 
loop_
_citation_author.citation_id 
_citation_author.name 
_citation_author.ordinal 
_citation_author.identifier_ORCID 
primary 'Sawaya, M.R.'    1  ? 
primary 'Sambashivan, S.' 2  ? 
primary 'Nelson, R.'      3  ? 
primary 'Ivanova, M.I.'   4  ? 
primary 'Sievers, S.A.'   5  ? 
primary 'Apostol, M.I.'   6  ? 
primary 'Thompson, M.J.'  7  ? 
primary 'Balbirnie, M.'   8  ? 
primary 'Wiltzius, J.J.'  9  ? 
primary 'McFarlane, H.T.' 10 ? 
primary 'Madsen, A.'      11 ? 
primary 'Riekel, C.'      12 ? 
primary 'Eisenberg, D.'   13 ? 
# 
loop_
_entity.id 
_entity.type 
_entity.src_method 
_entity.pdbx_description 
_entity.formula_weight 
_entity.pdbx_number_of_molecules 
_entity.pdbx_ec 
_entity.pdbx_mutation 
_entity.pdbx_fragment 
_entity.details 
1 polymer syn 'VEALYL peptide derived from human insulin chain B, residues 12-17' 706.827 4 ? ? 'residues 12-17' ? 
2 water   nat water                                                               18.015  4 ? ? ?                ? 
# 
_entity_poly.entity_id                      1 
_entity_poly.type                           'polypeptide(L)' 
_entity_poly.nstd_linkage                   no 
_entity_poly.nstd_monomer                   no 
_entity_poly.pdbx_seq_one_letter_code       VEALYL 
_entity_poly.pdbx_seq_one_letter_code_can   VEALYL 
_entity_poly.pdbx_strand_id                 A,B,C,D 
_entity_poly.pdbx_target_identifier         ? 
# 
_pdbx_entity_nonpoly.entity_id   2 
_pdbx_entity_nonpoly.name        water 
_pdbx_entity_nonpoly.comp_id     HOH 
# 
loop_
_entity_poly_seq.entity_id 
_entity_poly_seq.num 
_entity_poly_seq.mon_id 
_entity_poly_seq.hetero 
1 1 VAL n 
1 2 GLU n 
1 3 ALA n 
1 4 LEU n 
1 5 TYR n 
1 6 LEU n 
# 
loop_
_chem_comp.id 
_chem_comp.type 
_chem_comp.mon_nstd_flag 
_chem_comp.name 
_chem_comp.pdbx_synonyms 
_chem_comp.formula 
_chem_comp.formula_weight 
ALA 'L-peptide linking' y ALANINE         ? 'C3 H7 N O2'  89.093  
GLU 'L-peptide linking' y 'GLUTAMIC ACID' ? 'C5 H9 N O4'  147.129 
HOH non-polymer         . WATER           ? 'H2 O'        18.015  
LEU 'L-peptide linking' y LEUCINE         ? 'C6 H13 N O2' 131.173 
TYR 'L-peptide linking' y TYROSINE        ? 'C9 H11 N O3' 181.189 
VAL 'L-peptide linking' y VALINE          ? 'C5 H11 N O2' 117.146 
# 
loop_
_pdbx_poly_seq_scheme.asym_id 
_pdbx_poly_seq_scheme.entity_id 
_pdbx_poly_seq_scheme.seq_id 
_pdbx_poly_seq_scheme.mon_id 
_pdbx_poly_seq_scheme.ndb_seq_num 
_pdbx_poly_seq_scheme.pdb_seq_num 
_pdbx_poly_seq_scheme.auth_seq_num 
_pdbx_poly_seq_scheme.pdb_mon_id 
_pdbx_poly_seq_scheme.auth_mon_id 
_pdbx_poly_seq_scheme.pdb_strand_id 
_pdbx_poly_seq_scheme.pdb_ins_code 
_pdbx_poly_seq_scheme.hetero 
A 1 1 VAL 1 1 1 VAL VAL A . n 
A 1 2 GLU 2 2 2 GLU GLU A . n 
A 1 3 ALA 3 3 3 ALA ALA A . n 
A 1 4 LEU 4 4 4 LEU LEU A . n 
A 1 5 TYR 5 5 5 TYR TYR A . n 
A 1 6 LEU 6 6 6 LEU LEU A . n 
B 1 1 VAL 1 1 1 VAL VAL B . n 
B 1 2 GLU 2 2 2 GLU GLU B . n 
B 1 3 ALA 3 3 3 ALA ALA B . n 
B 1 4 LEU 4 4 4 LEU LEU B . n 
B 1 5 TYR 5 5 5 TYR TYR B . n 
B 1 6 LEU 6 6 6 LEU LEU B . n 
C 1 1 VAL 1 1 1 VAL VAL C . n 
C 1 2 GLU 2 2 2 GLU GLU C . n 
C 1 3 ALA 3 3 3 ALA ALA C . n 
C 1 4 LEU 4 4 4 LEU LEU C . n 
C 1 5 TYR 5 5 5 TYR TYR C . n 
C 1 6 LEU 6 6 6 LEU LEU C . n 
D 1 1 VAL 1 1 1 VAL VAL D . n 
D 1 2 GLU 2 2 2 GLU GLU D . n 
D 1 3 ALA 3 3 3 ALA ALA D . n 
D 1 4 LEU 4 4 4 LEU LEU D . n 
D 1 5 TYR 5 5 5 TYR TYR D . n 
D 1 6 LEU 6 6 6 LEU LEU D . n 
# 
loop_
_pdbx_nonpoly_scheme.asym_id 
_pdbx_nonpoly_scheme.entity_id 
_pdbx_nonpoly_scheme.mon_id 
_pdbx_nonpoly_scheme.ndb_seq_num 
_pdbx_nonpoly_scheme.pdb_seq_num 
_pdbx_nonpoly_scheme.auth_seq_num 
_pdbx_nonpoly_scheme.pdb_mon_id 
_pdbx_nonpoly_scheme.auth_mon_id 
_pdbx_nonpoly_scheme.pdb_strand_id 
_pdbx_nonpoly_scheme.pdb_ins_code 
E 2 HOH 1 7 1 HOH HOH B . 
E 2 HOH 2 8 3 HOH HOH B . 
F 2 HOH 1 7 2 HOH HOH D . 
F 2 HOH 2 8 4 HOH HOH D . 
# 
loop_
_software.name 
_software.version 
_software.date 
_software.type 
_software.contact_author 
_software.contact_author_email 
_software.classification 
_software.location 
_software.language 
_software.citation_id 
_software.pdbx_ordinal 
DENZO       .     ?                package 'Zbyszek Otwinowski' zbyszek@mix.swmed.edu       'data reduction'  
http://www.lnls.br/infra/linhasluz/denzo-hkl.htm ?          ? 1 
SCALEPACK   .     ?                package 'Zbyszek Otwinowski' zbyszek@mix.swmed.edu       'data scaling'    
http://www.lnls.br/infra/linhasluz/denzo-hkl.htm ?          ? 2 
PHASER      .     ?                other   'R. J. Read'         cimr-phaser@lists.cam.ac.uk phasing           
http://www-structmed.cimr.cam.ac.uk/phaser/      ?          ? 3 
REFMAC      .     ?                program 'Murshudov, G.N.'    ccp4@dl.ac.uk               refinement        
http://www.ccp4.ac.uk/main.html                  Fortran_77 ? 4 
PDB_EXTRACT 2.000 'April. 3, 2006' package PDB                  sw-help@rcsb.rutgers.edu    'data extraction' 
http://pdb.rutgers.edu/software/                 C++        ? 5 
# 
_cell.length_a           18.425 
_cell.length_b           9.613 
_cell.length_c           21.975 
_cell.angle_alpha        90.880 
_cell.angle_beta         96.120 
_cell.angle_gamma        100.930 
_cell.entry_id           2OMQ 
_cell.pdbx_unique_axis   ? 
_cell.Z_PDB              4 
_cell.length_a_esd       ? 
_cell.length_b_esd       ? 
_cell.length_c_esd       ? 
_cell.angle_alpha_esd    ? 
_cell.angle_beta_esd     ? 
_cell.angle_gamma_esd    ? 
# 
_symmetry.space_group_name_H-M             'P 1' 
_symmetry.entry_id                         2OMQ 
_symmetry.Int_Tables_number                1 
_symmetry.pdbx_full_space_group_name_H-M   ? 
_symmetry.cell_setting                     ? 
_symmetry.space_group_name_Hall            ? 
# 
_exptl.crystals_number   1 
_exptl.entry_id          2OMQ 
_exptl.method            'X-RAY DIFFRACTION' 
# 
_exptl_crystal.id                    1 
_exptl_crystal.density_Matthews      ? 
_exptl_crystal.density_meas          ? 
_exptl_crystal.density_percent_sol   ? 
_exptl_crystal.description           ? 
_exptl_crystal.F_000                 ? 
_exptl_crystal.preparation           ? 
# 
_exptl_crystal_grow.crystal_id      1 
_exptl_crystal_grow.method          'VAPOR DIFFUSION, HANGING DROP' 
_exptl_crystal_grow.pH              2.5 
_exptl_crystal_grow.temp            310 
_exptl_crystal_grow.temp_details    ? 
_exptl_crystal_grow.pdbx_details    
;2mM peptide in 100 mM NaCl and 50 mM phosphate. Crystals can be more easily reproduced by dissolving peptide to 2 mM in water at room temperature, pH 2.5, VAPOR DIFFUSION, HANGING DROP, temperature 310K
;
_exptl_crystal_grow.pdbx_pH_range   . 
# 
_diffrn.id                     1 
_diffrn.ambient_temp           100 
_diffrn.ambient_temp_details   ? 
_diffrn.crystal_id             1 
# 
_diffrn_detector.diffrn_id              1 
_diffrn_detector.detector               CCD 
_diffrn_detector.type                   'MAR CCD 165 mm' 
_diffrn_detector.pdbx_collection_date   2005-07-16 
_diffrn_detector.details                ? 
# 
_diffrn_radiation.diffrn_id                        1 
_diffrn_radiation.wavelength_id                    1 
_diffrn_radiation.pdbx_diffrn_protocol             'SINGLE WAVELENGTH' 
_diffrn_radiation.monochromator                    ? 
_diffrn_radiation.pdbx_monochromatic_or_laue_m_l   M 
_diffrn_radiation.pdbx_scattering_type             x-ray 
# 
_diffrn_radiation_wavelength.id           1 
_diffrn_radiation_wavelength.wavelength   0.94660 
_diffrn_radiation_wavelength.wt           1.0 
# 
_diffrn_source.diffrn_id                   1 
_diffrn_source.source                      SYNCHROTRON 
_diffrn_source.type                        'ESRF BEAMLINE ID13' 
_diffrn_source.pdbx_wavelength             0.94660 
_diffrn_source.pdbx_wavelength_list        ? 
_diffrn_source.pdbx_synchrotron_site       ESRF 
_diffrn_source.pdbx_synchrotron_beamline   ID13 
# 
_reflns.entry_id                     2OMQ 
_reflns.d_resolution_high            1.700 
_reflns.d_resolution_low             90.000 
_reflns.number_obs                   820 
_reflns.pdbx_Rmerge_I_obs            0.172 
_reflns.pdbx_netI_over_sigmaI        3.900 
_reflns.pdbx_chi_squared             1.065 
_reflns.percent_possible_obs         93.000 
_reflns.observed_criterion_sigma_F   ? 
_reflns.observed_criterion_sigma_I   0.0 
_reflns.number_all                   ? 
_reflns.pdbx_Rsym_value              ? 
_reflns.B_iso_Wilson_estimate        17.5 
_reflns.pdbx_redundancy              ? 
_reflns.R_free_details               ? 
_reflns.limit_h_max                  ? 
_reflns.limit_h_min                  ? 
_reflns.limit_k_max                  ? 
_reflns.limit_k_min                  ? 
_reflns.limit_l_max                  ? 
_reflns.limit_l_min                  ? 
_reflns.observed_criterion_F_max     ? 
_reflns.observed_criterion_F_min     ? 
_reflns.pdbx_scaling_rejects         ? 
_reflns.pdbx_ordinal                 1 
_reflns.pdbx_diffrn_id               1 
# 
loop_
_reflns_shell.d_res_high 
_reflns_shell.d_res_low 
_reflns_shell.number_measured_obs 
_reflns_shell.number_measured_all 
_reflns_shell.number_unique_obs 
_reflns_shell.Rmerge_I_obs 
_reflns_shell.meanI_over_sigI_obs 
_reflns_shell.pdbx_Rsym_value 
_reflns_shell.pdbx_chi_squared 
_reflns_shell.pdbx_redundancy 
_reflns_shell.percent_possible_obs 
_reflns_shell.number_unique_all 
_reflns_shell.percent_possible_all 
_reflns_shell.pdbx_ordinal 
_reflns_shell.pdbx_diffrn_id 
1.70 1.83  ? ? ? 0.413 ? ? 1.071 ? ? 299 91.70 1 1 
1.83 2.02  ? ? ? 0.32  ? ? 1.094 ? ? 296 88.60 2 1 
2.02 2.31  ? ? ? 0.241 ? ? 1.086 ? ? 311 96.60 3 1 
2.31 2.91  ? ? ? 0.191 ? ? 1.049 ? ? 296 93.10 4 1 
2.91 90.00 ? ? ? 0.111 ? ? 1.039 ? ? 321 95.30 5 1 
# 
_refine.entry_id                                 2OMQ 
_refine.ls_d_res_high                            2.000 
_refine.ls_d_res_low                             21.840 
_refine.pdbx_ls_sigma_F                          0.00 
_refine.ls_percent_reflns_obs                    83.250 
_refine.ls_number_reflns_obs                     820 
_refine.pdbx_ls_cross_valid_method               THROUGHOUT 
_refine.pdbx_R_Free_selection_details            RANDOM 
_refine.details                                  'HYDROGENS HAVE BEEN ADDED IN THE RIDING POSITIONS' 
_refine.ls_R_factor_obs                          0.205 
_refine.ls_R_factor_R_work                       0.201 
_refine.ls_R_factor_R_free                       0.265 
_refine.ls_percent_reflns_R_free                 4.900 
_refine.ls_number_reflns_R_free                  40 
_refine.B_iso_mean                               18.338 
_refine.aniso_B[1][1]                            2.140 
_refine.aniso_B[2][2]                            0.340 
_refine.aniso_B[3][3]                            -2.120 
_refine.aniso_B[1][2]                            0.410 
_refine.aniso_B[1][3]                            0.990 
_refine.aniso_B[2][3]                            -0.090 
_refine.correlation_coeff_Fo_to_Fc               0.961 
_refine.correlation_coeff_Fo_to_Fc_free          0.913 
_refine.pdbx_overall_ESU_R_Free                  0.293 
_refine.overall_SU_ML                            0.192 
_refine.overall_SU_B                             7.375 
_refine.solvent_model_details                    MASK 
_refine.pdbx_solvent_vdw_probe_radii             1.200 
_refine.pdbx_solvent_ion_probe_radii             0.800 
_refine.pdbx_solvent_shrinkage_radii             0.800 
_refine.pdbx_stereochemistry_target_values       'MAXIMUM LIKELIHOOD' 
_refine.pdbx_ls_sigma_I                          ? 
_refine.ls_number_reflns_all                     ? 
_refine.ls_R_factor_all                          ? 
_refine.ls_redundancy_reflns_obs                 ? 
_refine.pdbx_data_cutoff_high_absF               ? 
_refine.pdbx_data_cutoff_low_absF                ? 
_refine.ls_number_parameters                     ? 
_refine.ls_number_restraints                     ? 
_refine.ls_R_factor_R_free_error                 ? 
_refine.ls_R_factor_R_free_error_details         ? 
_refine.pdbx_method_to_determine_struct          'MOLECULAR REPLACEMENT' 
_refine.pdbx_starting_model                      'polyalanine beta strands with ideal geometry' 
_refine.pdbx_stereochem_target_val_spec_case     ? 
_refine.solvent_model_param_bsol                 ? 
_refine.solvent_model_param_ksol                 ? 
_refine.occupancy_max                            ? 
_refine.occupancy_min                            ? 
_refine.pdbx_isotropic_thermal_model             ? 
_refine.B_iso_min                                ? 
_refine.B_iso_max                                ? 
_refine.overall_SU_R_Cruickshank_DPI             ? 
_refine.overall_SU_R_free                        ? 
_refine.pdbx_data_cutoff_high_rms_absF           ? 
_refine.pdbx_overall_ESU_R                       ? 
_refine.ls_wR_factor_R_free                      ? 
_refine.ls_wR_factor_R_work                      ? 
_refine.overall_FOM_free_R_set                   ? 
_refine.overall_FOM_work_R_set                   ? 
_refine.pdbx_refine_id                           'X-RAY DIFFRACTION' 
_refine.pdbx_diffrn_id                           1 
_refine.pdbx_overall_phase_error                 ? 
_refine.pdbx_TLS_residual_ADP_flag               ? 
_refine.pdbx_overall_SU_R_free_Cruickshank_DPI   ? 
_refine.pdbx_overall_SU_R_Blow_DPI               ? 
_refine.pdbx_overall_SU_R_free_Blow_DPI          ? 
# 
_refine_hist.pdbx_refine_id                   'X-RAY DIFFRACTION' 
_refine_hist.cycle_id                         LAST 
_refine_hist.pdbx_number_atoms_protein        200 
_refine_hist.pdbx_number_atoms_nucleic_acid   0 
_refine_hist.pdbx_number_atoms_ligand         0 
_refine_hist.number_atoms_solvent             4 
_refine_hist.number_atoms_total               204 
_refine_hist.d_res_high                       2.000 
_refine_hist.d_res_low                        21.840 
# 
loop_
_refine_ls_restr.type 
_refine_ls_restr.number 
_refine_ls_restr.dev_ideal 
_refine_ls_restr.dev_ideal_target 
_refine_ls_restr.weight 
_refine_ls_restr.pdbx_refine_id 
_refine_ls_restr.pdbx_restraint_function 
r_bond_refined_d         200 0.009  0.023  ? 'X-RAY DIFFRACTION' ? 
r_bond_other_d           208 0.000  0.020  ? 'X-RAY DIFFRACTION' ? 
r_angle_refined_deg      272 2.271  2.106  ? 'X-RAY DIFFRACTION' ? 
r_angle_other_deg        472 3.119  3.000  ? 'X-RAY DIFFRACTION' ? 
r_dihedral_angle_1_deg   20  7.878  5.000  ? 'X-RAY DIFFRACTION' ? 
r_dihedral_angle_2_deg   8   33.309 25.000 ? 'X-RAY DIFFRACTION' ? 
r_dihedral_angle_3_deg   32  13.076 15.000 ? 'X-RAY DIFFRACTION' ? 
r_chiral_restr           36  0.036  0.200  ? 'X-RAY DIFFRACTION' ? 
r_gen_planes_refined     204 0.003  0.020  ? 'X-RAY DIFFRACTION' ? 
r_gen_planes_other       36  0.002  0.020  ? 'X-RAY DIFFRACTION' ? 
r_nbd_refined            28  0.224  0.200  ? 'X-RAY DIFFRACTION' ? 
r_nbd_other              159 0.253  0.200  ? 'X-RAY DIFFRACTION' ? 
r_nbtor_refined          81  0.214  0.200  ? 'X-RAY DIFFRACTION' ? 
r_nbtor_other            103 0.136  0.200  ? 'X-RAY DIFFRACTION' ? 
r_xyhbond_nbd_refined    5   0.287  0.200  ? 'X-RAY DIFFRACTION' ? 
r_symmetry_vdw_refined   11  0.204  0.200  ? 'X-RAY DIFFRACTION' ? 
r_symmetry_vdw_other     59  0.227  0.200  ? 'X-RAY DIFFRACTION' ? 
r_symmetry_hbond_refined 10  0.192  0.200  ? 'X-RAY DIFFRACTION' ? 
r_mcbond_it              120 5.574  1.500  ? 'X-RAY DIFFRACTION' ? 
r_mcbond_other           56  0.000  1.500  ? 'X-RAY DIFFRACTION' ? 
r_mcangle_it             188 6.952  2.000  ? 'X-RAY DIFFRACTION' ? 
r_scbond_it              80  7.371  3.000  ? 'X-RAY DIFFRACTION' ? 
r_scangle_it             84  10.186 4.500  ? 'X-RAY DIFFRACTION' ? 
# 
_refine_ls_shell.d_res_high                       2.000 
_refine_ls_shell.d_res_low                        2.052 
_refine_ls_shell.pdbx_total_number_of_bins_used   20 
_refine_ls_shell.percent_reflns_obs               84.480 
_refine_ls_shell.number_reflns_R_work             49 
_refine_ls_shell.R_factor_all                     ? 
_refine_ls_shell.R_factor_R_work                  0.267 
_refine_ls_shell.R_factor_R_free                  ? 
_refine_ls_shell.percent_reflns_R_free            ? 
_refine_ls_shell.number_reflns_R_free             ? 
_refine_ls_shell.R_factor_R_free_error            ? 
_refine_ls_shell.number_reflns_all                ? 
_refine_ls_shell.number_reflns_obs                ? 
_refine_ls_shell.redundancy_reflns_obs            ? 
_refine_ls_shell.pdbx_refine_id                   'X-RAY DIFFRACTION' 
# 
_struct.entry_id                  2OMQ 
_struct.title                     'VEALYL peptide derived from human insulin chain B, residues 12-17' 
_struct.pdbx_model_details        ? 
_struct.pdbx_CASP_flag            ? 
_struct.pdbx_model_type_details   ? 
# 
_struct_keywords.entry_id        2OMQ 
_struct_keywords.pdbx_keywords   'PROTEIN FIBRIL' 
_struct_keywords.text            'steric zipper, anti-parallel beta-sheet, PROTEIN FIBRIL' 
# 
loop_
_struct_asym.id 
_struct_asym.pdbx_blank_PDB_chainid_flag 
_struct_asym.pdbx_modified 
_struct_asym.entity_id 
_struct_asym.details 
A N N 1 ? 
B N N 1 ? 
C N N 1 ? 
D N N 1 ? 
E N N 2 ? 
F N N 2 ? 
# 
_struct_ref.id                         1 
_struct_ref.entity_id                  1 
_struct_ref.db_name                    PDB 
_struct_ref.db_code                    2OMQ 
_struct_ref.pdbx_db_accession          2OMQ 
_struct_ref.pdbx_align_begin           ? 
_struct_ref.pdbx_seq_one_letter_code   ? 
_struct_ref.pdbx_db_isoform            ? 
# 
loop_
_struct_ref_seq.align_id 
_struct_ref_seq.ref_id 
_struct_ref_seq.pdbx_PDB_id_code 
_struct_ref_seq.pdbx_strand_id 
_struct_ref_seq.seq_align_beg 
_struct_ref_seq.pdbx_seq_align_beg_ins_code 
_struct_ref_seq.seq_align_end 
_struct_ref_seq.pdbx_seq_align_end_ins_code 
_struct_ref_seq.pdbx_db_accession 
_struct_ref_seq.db_align_beg 
_struct_ref_seq.pdbx_db_align_beg_ins_code 
_struct_ref_seq.db_align_end 
_struct_ref_seq.pdbx_db_align_end_ins_code 
_struct_ref_seq.pdbx_auth_seq_align_beg 
_struct_ref_seq.pdbx_auth_seq_align_end 
1 1 2OMQ A 1 ? 6 ? 2OMQ 1 ? 6 ? 1 6 
2 1 2OMQ B 1 ? 6 ? 2OMQ 1 ? 6 ? 1 6 
3 1 2OMQ C 1 ? 6 ? 2OMQ 1 ? 6 ? 1 6 
4 1 2OMQ D 1 ? 6 ? 2OMQ 1 ? 6 ? 1 6 
# 
_pdbx_struct_assembly.id                   1 
_pdbx_struct_assembly.details              author_defined_assembly 
_pdbx_struct_assembly.method_details       ? 
_pdbx_struct_assembly.oligomeric_details   octameric 
_pdbx_struct_assembly.oligomeric_count     8 
# 
_pdbx_struct_assembly_gen.assembly_id       1 
_pdbx_struct_assembly_gen.oper_expression   1,2 
_pdbx_struct_assembly_gen.asym_id_list      A,B,C,D,E,F 
# 
loop_
_pdbx_struct_oper_list.id 
_pdbx_struct_oper_list.type 
_pdbx_struct_oper_list.name 
_pdbx_struct_oper_list.symmetry_operation 
_pdbx_struct_oper_list.matrix[1][1] 
_pdbx_struct_oper_list.matrix[1][2] 
_pdbx_struct_oper_list.matrix[1][3] 
_pdbx_struct_oper_list.vector[1] 
_pdbx_struct_oper_list.matrix[2][1] 
_pdbx_struct_oper_list.matrix[2][2] 
_pdbx_struct_oper_list.matrix[2][3] 
_pdbx_struct_oper_list.vector[2] 
_pdbx_struct_oper_list.matrix[3][1] 
_pdbx_struct_oper_list.matrix[3][2] 
_pdbx_struct_oper_list.matrix[3][3] 
_pdbx_struct_oper_list.vector[3] 
1 'identity operation'         1_555 x,y,z   1.0000000000 0.0000000000 0.0000000000 0.0000000000  0.0000000000 1.0000000000 0.0000000000 0.0000000000  0.0000000000 0.0000000000 1.0000000000 0.0000000000  
2 'crystal symmetry operation' 1_565 x,y+1,z 1.0000000000 0.0000000000 0.0000000000 -9.0857210038 0.0000000000 1.0000000000 0.0000000000 -0.4518411691 0.0000000000 0.0000000000 1.0000000000 -3.1072950291 
# 
_struct_biol.id                    1 
_struct_biol.details               
'A steric zipper can be generated by repeated unit cell translations of the asymmetric unit along the b axis.' 
_struct_biol.pdbx_parent_biol_id   ? 
# 
loop_
_struct_sheet.id 
_struct_sheet.type 
_struct_sheet.number_strands 
_struct_sheet.details 
A ? 2 ? 
B ? 2 ? 
# 
loop_
_struct_sheet_order.sheet_id 
_struct_sheet_order.range_id_1 
_struct_sheet_order.range_id_2 
_struct_sheet_order.offset 
_struct_sheet_order.sense 
A 1 2 ? anti-parallel 
B 1 2 ? anti-parallel 
# 
loop_
_struct_sheet_range.sheet_id 
_struct_sheet_range.id 
_struct_sheet_range.beg_label_comp_id 
_struct_sheet_range.beg_label_asym_id 
_struct_sheet_range.beg_label_seq_id 
_struct_sheet_range.pdbx_beg_PDB_ins_code 
_struct_sheet_range.end_label_comp_id 
_struct_sheet_range.end_label_asym_id 
_struct_sheet_range.end_label_seq_id 
_struct_sheet_range.pdbx_end_PDB_ins_code 
_struct_sheet_range.beg_auth_comp_id 
_struct_sheet_range.beg_auth_asym_id 
_struct_sheet_range.beg_auth_seq_id 
_struct_sheet_range.end_auth_comp_id 
_struct_sheet_range.end_auth_asym_id 
_struct_sheet_range.end_auth_seq_id 
A 1 GLU A 2 ? TYR A 5 ? GLU A 2 TYR A 5 
A 2 GLU B 2 ? TYR B 5 ? GLU B 2 TYR B 5 
B 1 GLU C 2 ? TYR C 5 ? GLU C 2 TYR C 5 
B 2 GLU D 2 ? TYR D 5 ? GLU D 2 TYR D 5 
# 
loop_
_pdbx_struct_sheet_hbond.sheet_id 
_pdbx_struct_sheet_hbond.range_id_1 
_pdbx_struct_sheet_hbond.range_id_2 
_pdbx_struct_sheet_hbond.range_1_label_atom_id 
_pdbx_struct_sheet_hbond.range_1_label_comp_id 
_pdbx_struct_sheet_hbond.range_1_label_asym_id 
_pdbx_struct_sheet_hbond.range_1_label_seq_id 
_pdbx_struct_sheet_hbond.range_1_PDB_ins_code 
_pdbx_struct_sheet_hbond.range_1_auth_atom_id 
_pdbx_struct_sheet_hbond.range_1_auth_comp_id 
_pdbx_struct_sheet_hbond.range_1_auth_asym_id 
_pdbx_struct_sheet_hbond.range_1_auth_seq_id 
_pdbx_struct_sheet_hbond.range_2_label_atom_id 
_pdbx_struct_sheet_hbond.range_2_label_comp_id 
_pdbx_struct_sheet_hbond.range_2_label_asym_id 
_pdbx_struct_sheet_hbond.range_2_label_seq_id 
_pdbx_struct_sheet_hbond.range_2_PDB_ins_code 
_pdbx_struct_sheet_hbond.range_2_auth_atom_id 
_pdbx_struct_sheet_hbond.range_2_auth_comp_id 
_pdbx_struct_sheet_hbond.range_2_auth_asym_id 
_pdbx_struct_sheet_hbond.range_2_auth_seq_id 
A 1 2 N LEU A 4 ? N LEU A 4 O ALA B 3 ? O ALA B 3 
B 1 2 N GLU C 2 ? N GLU C 2 O TYR D 5 ? O TYR D 5 
# 
loop_
_chem_comp_atom.comp_id 
_chem_comp_atom.atom_id 
_chem_comp_atom.type_symbol 
_chem_comp_atom.pdbx_aromatic_flag 
_chem_comp_atom.pdbx_stereo_config 
_chem_comp_atom.pdbx_ordinal 
ALA N    N N N 1   
ALA CA   C N S 2   
ALA C    C N N 3   
ALA O    O N N 4   
ALA CB   C N N 5   
ALA OXT  O N N 6   
ALA H    H N N 7   
ALA H2   H N N 8   
ALA HA   H N N 9   
ALA HB1  H N N 10  
ALA HB2  H N N 11  
ALA HB3  H N N 12  
ALA HXT  H N N 13  
GLU N    N N N 14  
GLU CA   C N S 15  
GLU C    C N N 16  
GLU O    O N N 17  
GLU CB   C N N 18  
GLU CG   C N N 19  
GLU CD   C N N 20  
GLU OE1  O N N 21  
GLU OE2  O N N 22  
GLU OXT  O N N 23  
GLU H    H N N 24  
GLU H2   H N N 25  
GLU HA   H N N 26  
GLU HB2  H N N 27  
GLU HB3  H N N 28  
GLU HG2  H N N 29  
GLU HG3  H N N 30  
GLU HE2  H N N 31  
GLU HXT  H N N 32  
HOH O    O N N 33  
HOH H1   H N N 34  
HOH H2   H N N 35  
LEU N    N N N 36  
LEU CA   C N S 37  
LEU C    C N N 38  
LEU O    O N N 39  
LEU CB   C N N 40  
LEU CG   C N N 41  
LEU CD1  C N N 42  
LEU CD2  C N N 43  
LEU OXT  O N N 44  
LEU H    H N N 45  
LEU H2   H N N 46  
LEU HA   H N N 47  
LEU HB2  H N N 48  
LEU HB3  H N N 49  
LEU HG   H N N 50  
LEU HD11 H N N 51  
LEU HD12 H N N 52  
LEU HD13 H N N 53  
LEU HD21 H N N 54  
LEU HD22 H N N 55  
LEU HD23 H N N 56  
LEU HXT  H N N 57  
TYR N    N N N 58  
TYR CA   C N S 59  
TYR C    C N N 60  
TYR O    O N N 61  
TYR CB   C N N 62  
TYR CG   C Y N 63  
TYR CD1  C Y N 64  
TYR CD2  C Y N 65  
TYR CE1  C Y N 66  
TYR CE2  C Y N 67  
TYR CZ   C Y N 68  
TYR OH   O N N 69  
TYR OXT  O N N 70  
TYR H    H N N 71  
TYR H2   H N N 72  
TYR HA   H N N 73  
TYR HB2  H N N 74  
TYR HB3  H N N 75  
TYR HD1  H N N 76  
TYR HD2  H N N 77  
TYR HE1  H N N 78  
TYR HE2  H N N 79  
TYR HH   H N N 80  
TYR HXT  H N N 81  
VAL N    N N N 82  
VAL CA   C N S 83  
VAL C    C N N 84  
VAL O    O N N 85  
VAL CB   C N N 86  
VAL CG1  C N N 87  
VAL CG2  C N N 88  
VAL OXT  O N N 89  
VAL H    H N N 90  
VAL H2   H N N 91  
VAL HA   H N N 92  
VAL HB   H N N 93  
VAL HG11 H N N 94  
VAL HG12 H N N 95  
VAL HG13 H N N 96  
VAL HG21 H N N 97  
VAL HG22 H N N 98  
VAL HG23 H N N 99  
VAL HXT  H N N 100 
# 
loop_
_chem_comp_bond.comp_id 
_chem_comp_bond.atom_id_1 
_chem_comp_bond.atom_id_2 
_chem_comp_bond.value_order 
_chem_comp_bond.pdbx_aromatic_flag 
_chem_comp_bond.pdbx_stereo_config 
_chem_comp_bond.pdbx_ordinal 
ALA N   CA   sing N N 1  
ALA N   H    sing N N 2  
ALA N   H2   sing N N 3  
ALA CA  C    sing N N 4  
ALA CA  CB   sing N N 5  
ALA CA  HA   sing N N 6  
ALA C   O    doub N N 7  
ALA C   OXT  sing N N 8  
ALA CB  HB1  sing N N 9  
ALA CB  HB2  sing N N 10 
ALA CB  HB3  sing N N 11 
ALA OXT HXT  sing N N 12 
GLU N   CA   sing N N 13 
GLU N   H    sing N N 14 
GLU N   H2   sing N N 15 
GLU CA  C    sing N N 16 
GLU CA  CB   sing N N 17 
GLU CA  HA   sing N N 18 
GLU C   O    doub N N 19 
GLU C   OXT  sing N N 20 
GLU CB  CG   sing N N 21 
GLU CB  HB2  sing N N 22 
GLU CB  HB3  sing N N 23 
GLU CG  CD   sing N N 24 
GLU CG  HG2  sing N N 25 
GLU CG  HG3  sing N N 26 
GLU CD  OE1  doub N N 27 
GLU CD  OE2  sing N N 28 
GLU OE2 HE2  sing N N 29 
GLU OXT HXT  sing N N 30 
HOH O   H1   sing N N 31 
HOH O   H2   sing N N 32 
LEU N   CA   sing N N 33 
LEU N   H    sing N N 34 
LEU N   H2   sing N N 35 
LEU CA  C    sing N N 36 
LEU CA  CB   sing N N 37 
LEU CA  HA   sing N N 38 
LEU C   O    doub N N 39 
LEU C   OXT  sing N N 40 
LEU CB  CG   sing N N 41 
LEU CB  HB2  sing N N 42 
LEU CB  HB3  sing N N 43 
LEU CG  CD1  sing N N 44 
LEU CG  CD2  sing N N 45 
LEU CG  HG   sing N N 46 
LEU CD1 HD11 sing N N 47 
LEU CD1 HD12 sing N N 48 
LEU CD1 HD13 sing N N 49 
LEU CD2 HD21 sing N N 50 
LEU CD2 HD22 sing N N 51 
LEU CD2 HD23 sing N N 52 
LEU OXT HXT  sing N N 53 
TYR N   CA   sing N N 54 
TYR N   H    sing N N 55 
TYR N   H2   sing N N 56 
TYR CA  C    sing N N 57 
TYR CA  CB   sing N N 58 
TYR CA  HA   sing N N 59 
TYR C   O    doub N N 60 
TYR C   OXT  sing N N 61 
TYR CB  CG   sing N N 62 
TYR CB  HB2  sing N N 63 
TYR CB  HB3  sing N N 64 
TYR CG  CD1  doub Y N 65 
TYR CG  CD2  sing Y N 66 
TYR CD1 CE1  sing Y N 67 
TYR CD1 HD1  sing N N 68 
TYR CD2 CE2  doub Y N 69 
TYR CD2 HD2  sing N N 70 
TYR CE1 CZ   doub Y N 71 
TYR CE1 HE1  sing N N 72 
TYR CE2 CZ   sing Y N 73 
TYR CE2 HE2  sing N N 74 
TYR CZ  OH   sing N N 75 
TYR OH  HH   sing N N 76 
TYR OXT HXT  sing N N 77 
VAL N   CA   sing N N 78 
VAL N   H    sing N N 79 
VAL N   H2   sing N N 80 
VAL CA  C    sing N N 81 
VAL CA  CB   sing N N 82 
VAL CA  HA   sing N N 83 
VAL C   O    doub N N 84 
VAL C   OXT  sing N N 85 
VAL CB  CG1  sing N N 86 
VAL CB  CG2  sing N N 87 
VAL CB  HB   sing N N 88 
VAL CG1 HG11 sing N N 89 
VAL CG1 HG12 sing N N 90 
VAL CG1 HG13 sing N N 91 
VAL CG2 HG21 sing N N 92 
VAL CG2 HG22 sing N N 93 
VAL CG2 HG23 sing N N 94 
VAL OXT HXT  sing N N 95 
# 
_pdbx_initial_refinement_model.accession_code   ? 
_pdbx_initial_refinement_model.id               1 
_pdbx_initial_refinement_model.entity_id_list   ? 
_pdbx_initial_refinement_model.type             'in silico model' 
_pdbx_initial_refinement_model.source_name      Other 
_pdbx_initial_refinement_model.details          'polyalanine beta strands with ideal geometry' 
# 
_atom_sites.entry_id                    2OMQ 
_atom_sites.fract_transf_matrix[1][1]   0.00047767 
_atom_sites.fract_transf_matrix[1][2]   0.05482558 
_atom_sites.fract_transf_matrix[1][3]   -0.00938120 
_atom_sites.fract_transf_matrix[2][1]   -0.09866434 
_atom_sites.fract_transf_matrix[2][2]   0.01546937 
_atom_sites.fract_transf_matrix[2][3]   -0.03558239 
_atom_sites.fract_transf_matrix[3][1]   -0.01481634 
_atom_sites.fract_transf_matrix[3][2]   0.01241467 
_atom_sites.fract_transf_matrix[3][3]   0.04151767 
_atom_sites.fract_transf_vector[1]      0.246390 
_atom_sites.fract_transf_vector[2]      0.336120 
_atom_sites.fract_transf_vector[3]      0.244190 
# 
loop_
_atom_type.symbol 
C 
N 
O 
# 
loop_
_atom_site.group_PDB 
_atom_site.id 
_atom_site.type_symbol 
_atom_site.label_atom_id 
_atom_site.label_alt_id 
_atom_site.label_comp_id 
_atom_site.label_asym_id 
_atom_site.label_entity_id 
_atom_site.label_seq_id 
_atom_site.pdbx_PDB_ins_code 
_atom_site.Cartn_x 
_atom_site.Cartn_y 
_atom_site.Cartn_z 
_atom_site.occupancy 
_atom_site.B_iso_or_equiv 
_atom_site.pdbx_formal_charge 
_atom_site.auth_seq_id 
_atom_site.auth_comp_id 
_atom_site.auth_asym_id 
_atom_site.auth_atom_id 
_atom_site.pdbx_PDB_model_num 
ATOM   1   N N   . VAL A 1 1 ? 4.492  5.430   -3.583  1.00 34.85 ? 1 VAL A N   1 
ATOM   2   C CA  . VAL A 1 1 ? 3.861  4.577   -2.588  1.00 23.58 ? 1 VAL A CA  1 
ATOM   3   C C   . VAL A 1 1 ? 4.050  5.140   -1.188  1.00 15.81 ? 1 VAL A C   1 
ATOM   4   O O   . VAL A 1 1 ? 5.181  5.168   -0.702  1.00 14.17 ? 1 VAL A O   1 
ATOM   5   C CB  . VAL A 1 1 ? 4.438  3.148   -2.624  1.00 19.62 ? 1 VAL A CB  1 
ATOM   6   C CG1 . VAL A 1 1 ? 3.871  2.334   -1.477  1.00 16.81 ? 1 VAL A CG1 1 
ATOM   7   C CG2 . VAL A 1 1 ? 4.124  2.470   -3.949  1.00 11.23 ? 1 VAL A CG2 1 
ATOM   8   N N   . GLU A 1 2 ? 2.958  5.584   -0.565  1.00 10.59 ? 2 GLU A N   1 
ATOM   9   C CA  . GLU A 1 2 ? 3.072  6.074   0.802   1.00 13.68 ? 2 GLU A CA  1 
ATOM   10  C C   . GLU A 1 2 ? 2.162  5.287   1.735   1.00 13.07 ? 2 GLU A C   1 
ATOM   11  O O   . GLU A 1 2 ? 0.983  5.152   1.435   1.00 15.07 ? 2 GLU A O   1 
ATOM   12  C CB  . GLU A 1 2 ? 2.686  7.547   0.917   1.00 14.92 ? 2 GLU A CB  1 
ATOM   13  C CG  . GLU A 1 2 ? 3.494  8.457   0.002   1.00 20.73 ? 2 GLU A CG  1 
ATOM   14  C CD  . GLU A 1 2 ? 2.984  9.881   0.123   1.00 23.60 ? 2 GLU A CD  1 
ATOM   15  O OE1 . GLU A 1 2 ? 1.762  9.998   0.332   1.00 17.63 ? 2 GLU A OE1 1 
ATOM   16  O OE2 . GLU A 1 2 ? 3.771  10.834  0.011   1.00 40.74 ? 2 GLU A OE2 1 
ATOM   17  N N   . ALA A 1 3 ? 2.754  4.818   2.827   1.00 10.37 ? 3 ALA A N   1 
ATOM   18  C CA  . ALA A 1 3 ? 1.935  4.162   3.852   1.00 8.07  ? 3 ALA A CA  1 
ATOM   19  C C   . ALA A 1 3 ? 2.028  4.942   5.153   1.00 9.26  ? 3 ALA A C   1 
ATOM   20  O O   . ALA A 1 3 ? 3.046  5.023   5.850   1.00 16.65 ? 3 ALA A O   1 
ATOM   21  C CB  . ALA A 1 3 ? 2.356  2.706   3.979   1.00 10.71 ? 3 ALA A CB  1 
ATOM   22  N N   . LEU A 1 4 ? 0.913  5.602   5.487   1.00 11.50 ? 4 LEU A N   1 
ATOM   23  C CA  . LEU A 1 4 ? 0.918  6.432   6.696   1.00 10.93 ? 4 LEU A CA  1 
ATOM   24  C C   . LEU A 1 4 ? 0.097  5.756   7.783   1.00 13.50 ? 4 LEU A C   1 
ATOM   25  O O   . LEU A 1 4 ? -1.096 5.523   7.631   1.00 8.07  ? 4 LEU A O   1 
ATOM   26  C CB  . LEU A 1 4 ? 0.431  7.828   6.322   1.00 16.73 ? 4 LEU A CB  1 
ATOM   27  C CG  . LEU A 1 4 ? 1.082  8.424   5.066   1.00 15.66 ? 4 LEU A CG  1 
ATOM   28  C CD1 . LEU A 1 4 ? 0.426  9.735   4.677   1.00 31.90 ? 4 LEU A CD1 1 
ATOM   29  C CD2 . LEU A 1 4 ? 2.578  8.602   5.280   1.00 12.31 ? 4 LEU A CD2 1 
ATOM   30  N N   . TYR A 1 5 ? 0.761  5.395   8.881   1.00 10.09 ? 5 TYR A N   1 
ATOM   31  C CA  . TYR A 1 5 ? 0.076  4.753   9.992   1.00 16.11 ? 5 TYR A CA  1 
ATOM   32  C C   . TYR A 1 5 ? 0.183  5.706   11.192  1.00 20.95 ? 5 TYR A C   1 
ATOM   33  O O   . TYR A 1 5 ? 1.171  5.676   11.928  1.00 11.78 ? 5 TYR A O   1 
ATOM   34  C CB  . TYR A 1 5 ? 0.634  3.390   10.338  1.00 18.54 ? 5 TYR A CB  1 
ATOM   35  C CG  . TYR A 1 5 ? 0.760  2.447   9.168   1.00 19.66 ? 5 TYR A CG  1 
ATOM   36  C CD1 . TYR A 1 5 ? 1.970  2.342   8.503   1.00 22.93 ? 5 TYR A CD1 1 
ATOM   37  C CD2 . TYR A 1 5 ? -0.303 1.676   8.724   1.00 28.23 ? 5 TYR A CD2 1 
ATOM   38  C CE1 . TYR A 1 5 ? 2.107  1.487   7.429   1.00 26.75 ? 5 TYR A CE1 1 
ATOM   39  C CE2 . TYR A 1 5 ? -0.168 0.818   7.645   1.00 22.24 ? 5 TYR A CE2 1 
ATOM   40  C CZ  . TYR A 1 5 ? 1.044  0.727   7.000   1.00 33.78 ? 5 TYR A CZ  1 
ATOM   41  O OH  . TYR A 1 5 ? 1.231  -0.114  5.919   1.00 30.15 ? 5 TYR A OH  1 
ATOM   42  N N   . LEU A 1 6 ? -0.847 6.520   11.297  1.00 17.43 ? 6 LEU A N   1 
ATOM   43  C CA  . LEU A 1 6 ? -0.947 7.696   12.142  1.00 26.45 ? 6 LEU A CA  1 
ATOM   44  C C   . LEU A 1 6 ? -2.121 7.639   13.104  1.00 26.93 ? 6 LEU A C   1 
ATOM   45  O O   . LEU A 1 6 ? -2.722 6.545   13.181  1.00 29.61 ? 6 LEU A O   1 
ATOM   46  C CB  . LEU A 1 6 ? -1.039 8.925   11.220  1.00 21.45 ? 6 LEU A CB  1 
ATOM   47  C CG  . LEU A 1 6 ? 0.121  9.086   10.240  1.00 21.68 ? 6 LEU A CG  1 
ATOM   48  C CD1 . LEU A 1 6 ? 0.109  10.468  9.607   1.00 20.47 ? 6 LEU A CD1 1 
ATOM   49  C CD2 . LEU A 1 6 ? 1.465  8.832   10.917  1.00 25.96 ? 6 LEU A CD2 1 
ATOM   50  O OXT . LEU A 1 6 ? -2.401 8.664   13.763  1.00 26.30 ? 6 LEU A OXT 1 
ATOM   51  N N   . VAL B 1 1 ? -5.066 5.755   12.827  1.00 24.46 ? 1 VAL B N   1 
ATOM   52  C CA  . VAL B 1 1 ? -5.720 5.595   11.535  1.00 17.96 ? 1 VAL B CA  1 
ATOM   53  C C   . VAL B 1 1 ? -4.714 5.318   10.429  1.00 17.78 ? 1 VAL B C   1 
ATOM   54  O O   . VAL B 1 1 ? -3.502 5.246   10.635  1.00 15.49 ? 1 VAL B O   1 
ATOM   55  C CB  . VAL B 1 1 ? -6.591 6.829   11.204  1.00 10.64 ? 1 VAL B CB  1 
ATOM   56  C CG1 . VAL B 1 1 ? -7.804 6.849   12.123  1.00 19.17 ? 1 VAL B CG1 1 
ATOM   57  C CG2 . VAL B 1 1 ? -5.775 8.099   11.311  1.00 21.19 ? 1 VAL B CG2 1 
ATOM   58  N N   . GLU B 1 2 ? -5.207 5.124   9.208   1.00 17.48 ? 2 GLU B N   1 
ATOM   59  C CA  . GLU B 1 2 ? -4.299 4.666   8.164   1.00 17.43 ? 2 GLU B CA  1 
ATOM   60  C C   . GLU B 1 2 ? -4.672 5.242   6.812   1.00 8.09  ? 2 GLU B C   1 
ATOM   61  O O   . GLU B 1 2 ? -5.819 5.200   6.395   1.00 11.82 ? 2 GLU B O   1 
ATOM   62  C CB  . GLU B 1 2 ? -4.320 3.136   8.144   1.00 22.63 ? 2 GLU B CB  1 
ATOM   63  C CG  . GLU B 1 2 ? -3.416 2.433   7.168   1.00 25.84 ? 2 GLU B CG  1 
ATOM   64  C CD  . GLU B 1 2 ? -3.445 0.923   7.297   1.00 25.79 ? 2 GLU B CD  1 
ATOM   65  O OE1 . GLU B 1 2 ? -3.928 0.256   6.361   1.00 23.18 ? 2 GLU B OE1 1 
ATOM   66  O OE2 . GLU B 1 2 ? -2.979 0.369   8.316   1.00 24.44 ? 2 GLU B OE2 1 
ATOM   67  N N   . ALA B 1 3 ? -3.667 5.777   6.138   1.00 14.91 ? 3 ALA B N   1 
ATOM   68  C CA  . ALA B 1 3 ? -3.816 6.278   4.780   1.00 14.36 ? 3 ALA B CA  1 
ATOM   69  C C   . ALA B 1 3 ? -2.767 5.666   3.853   1.00 11.39 ? 3 ALA B C   1 
ATOM   70  O O   . ALA B 1 3 ? -1.569 5.794   4.107   1.00 14.32 ? 3 ALA B O   1 
ATOM   71  C CB  . ALA B 1 3 ? -3.716 7.792   4.723   1.00 15.61 ? 3 ALA B CB  1 
ATOM   72  N N   . LEU B 1 4 ? -3.220 5.004   2.787   1.00 8.07  ? 4 LEU B N   1 
ATOM   73  C CA  . LEU B 1 4 ? -2.284 4.418   1.829   1.00 8.07  ? 4 LEU B CA  1 
ATOM   74  C C   . LEU B 1 4 ? -2.482 5.021   0.429   1.00 11.76 ? 4 LEU B C   1 
ATOM   75  O O   . LEU B 1 4 ? -3.622 5.135   -0.016  1.00 14.03 ? 4 LEU B O   1 
ATOM   76  C CB  . LEU B 1 4 ? -2.429 2.916   1.671   1.00 12.50 ? 4 LEU B CB  1 
ATOM   77  C CG  . LEU B 1 4 ? -2.463 1.988   2.877   1.00 23.28 ? 4 LEU B CG  1 
ATOM   78  C CD1 . LEU B 1 4 ? -1.269 2.236   3.782   1.00 26.68 ? 4 LEU B CD1 1 
ATOM   79  C CD2 . LEU B 1 4 ? -3.786 2.171   3.593   1.00 27.15 ? 4 LEU B CD2 1 
ATOM   80  N N   . TYR B 1 5 ? -1.367 5.360   -0.179  1.00 14.46 ? 5 TYR B N   1 
ATOM   81  C CA  . TYR B 1 5 ? -1.243 5.816   -1.558  1.00 14.24 ? 5 TYR B CA  1 
ATOM   82  C C   . TYR B 1 5 ? -0.514 4.706   -2.306  1.00 17.98 ? 5 TYR B C   1 
ATOM   83  O O   . TYR B 1 5 ? 0.691  4.582   -2.137  1.00 19.66 ? 5 TYR B O   1 
ATOM   84  C CB  . TYR B 1 5 ? -0.483 7.127   -1.692  1.00 17.52 ? 5 TYR B CB  1 
ATOM   85  C CG  . TYR B 1 5 ? -1.260 8.289   -1.103  1.00 15.57 ? 5 TYR B CG  1 
ATOM   86  C CD1 . TYR B 1 5 ? -1.061 8.697   0.211   1.00 27.39 ? 5 TYR B CD1 1 
ATOM   87  C CD2 . TYR B 1 5 ? -2.204 8.965   -1.855  1.00 16.45 ? 5 TYR B CD2 1 
ATOM   88  C CE1 . TYR B 1 5 ? -1.769 9.752   0.758   1.00 33.19 ? 5 TYR B CE1 1 
ATOM   89  C CE2 . TYR B 1 5 ? -2.914 10.021  -1.320  1.00 23.99 ? 5 TYR B CE2 1 
ATOM   90  C CZ  . TYR B 1 5 ? -2.699 10.414  -0.018  1.00 36.66 ? 5 TYR B CZ  1 
ATOM   91  O OH  . TYR B 1 5 ? -3.421 11.468  0.491   1.00 26.38 ? 5 TYR B OH  1 
ATOM   92  N N   . LEU B 1 6 ? -1.274 3.914   -3.057  1.00 19.40 ? 6 LEU B N   1 
ATOM   93  C CA  . LEU B 1 6 ? -0.698 2.661   -3.542  1.00 15.73 ? 6 LEU B CA  1 
ATOM   94  C C   . LEU B 1 6 ? -0.264 2.776   -4.994  1.00 28.65 ? 6 LEU B C   1 
ATOM   95  O O   . LEU B 1 6 ? -0.080 1.719   -5.623  1.00 40.84 ? 6 LEU B O   1 
ATOM   96  C CB  . LEU B 1 6 ? -1.698 1.529   -3.335  1.00 21.74 ? 6 LEU B CB  1 
ATOM   97  C CG  . LEU B 1 6 ? -1.858 1.057   -1.884  1.00 31.95 ? 6 LEU B CG  1 
ATOM   98  C CD1 . LEU B 1 6 ? -3.319 0.810   -1.542  1.00 27.92 ? 6 LEU B CD1 1 
ATOM   99  C CD2 . LEU B 1 6 ? -1.028 -0.194  -1.641  1.00 42.26 ? 6 LEU B CD2 1 
ATOM   100 O OXT . LEU B 1 6 ? -0.107 3.937   -5.428  1.00 29.25 ? 6 LEU B OXT 1 
ATOM   101 N N   . VAL C 1 1 ? 6.573  -5.967  -12.192 1.00 31.04 ? 1 VAL C N   1 
ATOM   102 C CA  . VAL C 1 1 ? 5.572  -6.446  -11.240 1.00 18.87 ? 1 VAL C CA  1 
ATOM   103 C C   . VAL C 1 1 ? 5.766  -5.725  -9.917  1.00 15.44 ? 1 VAL C C   1 
ATOM   104 O O   . VAL C 1 1 ? 6.877  -5.453  -9.448  1.00 15.53 ? 1 VAL C O   1 
ATOM   105 C CB  . VAL C 1 1 ? 5.673  -7.973  -11.101 1.00 16.27 ? 1 VAL C CB  1 
ATOM   106 C CG1 . VAL C 1 1 ? 4.909  -8.458  -9.885  1.00 24.21 ? 1 VAL C CG1 1 
ATOM   107 C CG2 . VAL C 1 1 ? 5.173  -8.666  -12.367 1.00 31.20 ? 1 VAL C CG2 1 
ATOM   108 N N   . GLU C 1 2 ? 4.662  -5.360  -9.293  1.00 8.56  ? 2 GLU C N   1 
ATOM   109 C CA  . GLU C 1 2 ? 4.778  -4.592  -8.055  1.00 12.43 ? 2 GLU C CA  1 
ATOM   110 C C   . GLU C 1 2 ? 3.776  -5.173  -7.072  1.00 12.07 ? 2 GLU C C   1 
ATOM   111 O O   . GLU C 1 2 ? 2.590  -5.300  -7.370  1.00 8.07  ? 2 GLU C O   1 
ATOM   112 C CB  . GLU C 1 2 ? 4.539  -3.128  -8.343  1.00 12.94 ? 2 GLU C CB  1 
ATOM   113 C CG  . GLU C 1 2 ? 4.156  -2.245  -7.167  1.00 16.82 ? 2 GLU C CG  1 
ATOM   114 C CD  . GLU C 1 2 ? 3.834  -0.839  -7.652  1.00 30.11 ? 2 GLU C CD  1 
ATOM   115 O OE1 . GLU C 1 2 ? 4.457  -0.444  -8.661  1.00 27.64 ? 2 GLU C OE1 1 
ATOM   116 O OE2 . GLU C 1 2 ? 2.979  -0.173  -7.037  1.00 38.60 ? 2 GLU C OE2 1 
ATOM   117 N N   . ALA C 1 3 ? 4.301  -5.530  -5.910  1.00 13.29 ? 3 ALA C N   1 
ATOM   118 C CA  . ALA C 1 3 ? 3.418  -6.167  -4.926  1.00 14.13 ? 3 ALA C CA  1 
ATOM   119 C C   . ALA C 1 3 ? 3.545  -5.426  -3.597  1.00 8.07  ? 3 ALA C C   1 
ATOM   120 O O   . ALA C 1 3 ? 4.633  -5.359  -3.017  1.00 11.08 ? 3 ALA C O   1 
ATOM   121 C CB  . ALA C 1 3 ? 3.752  -7.639  -4.819  1.00 9.75  ? 3 ALA C CB  1 
ATOM   122 N N   . LEU C 1 4 ? 2.449  -4.844  -3.143  1.00 8.07  ? 4 LEU C N   1 
ATOM   123 C CA  . LEU C 1 4 ? 2.405  -4.067  -1.912  1.00 8.07  ? 4 LEU C CA  1 
ATOM   124 C C   . LEU C 1 4 ? 1.527  -4.810  -0.904  1.00 10.06 ? 4 LEU C C   1 
ATOM   125 O O   . LEU C 1 4 ? 0.377  -5.149  -1.167  1.00 12.89 ? 4 LEU C O   1 
ATOM   126 C CB  . LEU C 1 4 ? 1.914  -2.650  -2.159  1.00 9.08  ? 4 LEU C CB  1 
ATOM   127 C CG  . LEU C 1 4 ? 2.514  -1.952  -3.387  1.00 19.55 ? 4 LEU C CG  1 
ATOM   128 C CD1 . LEU C 1 4 ? 1.880  -0.589  -3.605  1.00 16.98 ? 4 LEU C CD1 1 
ATOM   129 C CD2 . LEU C 1 4 ? 4.025  -1.849  -3.245  1.00 21.53 ? 4 LEU C CD2 1 
ATOM   130 N N   . TYR C 1 5 ? 2.113  -5.082  0.244   1.00 8.47  ? 5 TYR C N   1 
ATOM   131 C CA  . TYR C 1 5 ? 1.495  -5.737  1.381   1.00 10.19 ? 5 TYR C CA  1 
ATOM   132 C C   . TYR C 1 5 ? 1.620  -4.738  2.534   1.00 8.07  ? 5 TYR C C   1 
ATOM   133 O O   . TYR C 1 5 ? 2.682  -4.714  3.154   1.00 10.16 ? 5 TYR C O   1 
ATOM   134 C CB  . TYR C 1 5 ? 2.171  -7.069  1.694   1.00 8.07  ? 5 TYR C CB  1 
ATOM   135 C CG  . TYR C 1 5 ? 2.327  -8.006  0.530   1.00 8.07  ? 5 TYR C CG  1 
ATOM   136 C CD1 . TYR C 1 5 ? 3.554  -8.211  -0.081  1.00 17.44 ? 5 TYR C CD1 1 
ATOM   137 C CD2 . TYR C 1 5 ? 1.233  -8.710  0.041   1.00 13.13 ? 5 TYR C CD2 1 
ATOM   138 C CE1 . TYR C 1 5 ? 3.694  -9.080  -1.150  1.00 16.54 ? 5 TYR C CE1 1 
ATOM   139 C CE2 . TYR C 1 5 ? 1.358  -9.576  -1.028  1.00 14.76 ? 5 TYR C CE2 1 
ATOM   140 C CZ  . TYR C 1 5 ? 2.586  -9.757  -1.616  1.00 24.16 ? 5 TYR C CZ  1 
ATOM   141 O OH  . TYR C 1 5 ? 2.715  -10.621 -2.681  1.00 24.10 ? 5 TYR C OH  1 
ATOM   142 N N   . LEU C 1 6 ? 0.595  -3.938  2.728   1.00 13.65 ? 6 LEU C N   1 
ATOM   143 C CA  . LEU C 1 6 ? 0.612  -2.756  3.576   1.00 10.65 ? 6 LEU C CA  1 
ATOM   144 C C   . LEU C 1 6 ? -0.443 -2.788  4.667   1.00 19.89 ? 6 LEU C C   1 
ATOM   145 O O   . LEU C 1 6 ? -1.301 -3.688  4.638   1.00 24.50 ? 6 LEU C O   1 
ATOM   146 C CB  . LEU C 1 6 ? 0.446  -1.511  2.691   1.00 17.42 ? 6 LEU C CB  1 
ATOM   147 C CG  . LEU C 1 6 ? 1.459  -1.334  1.567   1.00 24.63 ? 6 LEU C CG  1 
ATOM   148 C CD1 . LEU C 1 6 ? 1.384  0.060   0.962   1.00 32.41 ? 6 LEU C CD1 1 
ATOM   149 C CD2 . LEU C 1 6 ? 2.869  -1.614  2.061   1.00 27.89 ? 6 LEU C CD2 1 
ATOM   150 O OXT . LEU C 1 6 ? -0.426 -1.929  5.588   1.00 16.13 ? 6 LEU C OXT 1 
ATOM   151 N N   . VAL D 1 1 ? -3.828 -5.165  4.025   1.00 11.82 ? 1 VAL D N   1 
ATOM   152 C CA  . VAL D 1 1 ? -4.285 -4.579  2.766   1.00 15.05 ? 1 VAL D CA  1 
ATOM   153 C C   . VAL D 1 1 ? -3.288 -4.946  1.681   1.00 12.65 ? 1 VAL D C   1 
ATOM   154 O O   . VAL D 1 1 ? -2.069 -5.057  1.901   1.00 15.29 ? 1 VAL D O   1 
ATOM   155 C CB  . VAL D 1 1 ? -4.421 -3.053  2.892   1.00 16.35 ? 1 VAL D CB  1 
ATOM   156 C CG1 . VAL D 1 1 ? -4.068 -2.388  1.578   1.00 28.84 ? 1 VAL D CG1 1 
ATOM   157 C CG2 . VAL D 1 1 ? -5.818 -2.624  3.319   1.00 14.57 ? 1 VAL D CG2 1 
ATOM   158 N N   . GLU D 1 2 ? -3.765 -5.154  0.463   1.00 9.49  ? 2 GLU D N   1 
ATOM   159 C CA  . GLU D 1 2 ? -2.771 -5.604  -0.537  1.00 8.07  ? 2 GLU D CA  1 
ATOM   160 C C   . GLU D 1 2 ? -3.158 -5.070  -1.894  1.00 8.07  ? 2 GLU D C   1 
ATOM   161 O O   . GLU D 1 2 ? -4.311 -5.025  -2.304  1.00 19.07 ? 2 GLU D O   1 
ATOM   162 C CB  . GLU D 1 2 ? -2.662 -7.113  -0.434  1.00 8.07  ? 2 GLU D CB  1 
ATOM   163 C CG  . GLU D 1 2 ? -2.189 -7.974  -1.562  1.00 23.04 ? 2 GLU D CG  1 
ATOM   164 C CD  . GLU D 1 2 ? -2.197 -9.446  -1.142  1.00 17.90 ? 2 GLU D CD  1 
ATOM   165 O OE1 . GLU D 1 2 ? -2.642 -10.250 -1.976  1.00 31.08 ? 2 GLU D OE1 1 
ATOM   166 O OE2 . GLU D 1 2 ? -1.761 -9.733  0.002   1.00 16.48 ? 2 GLU D OE2 1 
ATOM   167 N N   . ALA D 1 3 ? -2.129 -4.635  -2.614  1.00 10.62 ? 3 ALA D N   1 
ATOM   168 C CA  . ALA D 1 3 ? -2.337 -4.143  -3.971  1.00 8.07  ? 3 ALA D CA  1 
ATOM   169 C C   . ALA D 1 3 ? -1.316 -4.821  -4.867  1.00 12.92 ? 3 ALA D C   1 
ATOM   170 O O   . ALA D 1 3 ? -0.111 -4.765  -4.610  1.00 10.49 ? 3 ALA D O   1 
ATOM   171 C CB  . ALA D 1 3 ? -2.257 -2.628  -3.988  1.00 8.48  ? 3 ALA D CB  1 
ATOM   172 N N   . LEU D 1 4 ? -1.797 -5.512  -5.896  1.00 16.67 ? 4 LEU D N   1 
ATOM   173 C CA  . LEU D 1 4 ? -0.874 -6.229  -6.772  1.00 13.95 ? 4 LEU D CA  1 
ATOM   174 C C   . LEU D 1 4 ? -0.943 -5.677  -8.193  1.00 17.25 ? 4 LEU D C   1 
ATOM   175 O O   . LEU D 1 4 ? -2.046 -5.513  -8.698  1.00 8.43  ? 4 LEU D O   1 
ATOM   176 C CB  . LEU D 1 4 ? -1.181 -7.727  -6.774  1.00 21.63 ? 4 LEU D CB  1 
ATOM   177 C CG  . LEU D 1 4 ? -1.259 -8.331  -5.365  1.00 14.70 ? 4 LEU D CG  1 
ATOM   178 C CD1 . LEU D 1 4 ? -1.676 -9.790  -5.437  1.00 8.07  ? 4 LEU D CD1 1 
ATOM   179 C CD2 . LEU D 1 4 ? 0.065  -8.148  -4.655  1.00 21.07 ? 4 LEU D CD2 1 
ATOM   180 N N   . TYR D 1 5 ? 0.198  -5.397  -8.796  1.00 11.36 ? 5 TYR D N   1 
ATOM   181 C CA  . TYR D 1 5 ? 0.248  -4.879  -10.167 1.00 8.23  ? 5 TYR D CA  1 
ATOM   182 C C   . TYR D 1 5 ? 1.035  -5.904  -10.967 1.00 19.09 ? 5 TYR D C   1 
ATOM   183 O O   . TYR D 1 5 ? 2.243  -6.067  -10.833 1.00 12.20 ? 5 TYR D O   1 
ATOM   184 C CB  . TYR D 1 5 ? 0.850  -3.491  -10.218 1.00 12.11 ? 5 TYR D CB  1 
ATOM   185 C CG  . TYR D 1 5 ? 0.099  -2.434  -9.436  1.00 13.72 ? 5 TYR D CG  1 
ATOM   186 C CD1 . TYR D 1 5 ? 0.333  -2.271  -8.074  1.00 13.39 ? 5 TYR D CD1 1 
ATOM   187 C CD2 . TYR D 1 5 ? -0.840 -1.590  -10.003 1.00 17.19 ? 5 TYR D CD2 1 
ATOM   188 C CE1 . TYR D 1 5 ? -0.307 -1.335  -7.296  1.00 16.32 ? 5 TYR D CE1 1 
ATOM   189 C CE2 . TYR D 1 5 ? -1.490 -0.645  -9.231  1.00 13.52 ? 5 TYR D CE2 1 
ATOM   190 C CZ  . TYR D 1 5 ? -1.236 -0.507  -7.891  1.00 21.89 ? 5 TYR D CZ  1 
ATOM   191 O OH  . TYR D 1 5 ? -1.879 0.428   -7.108  1.00 22.07 ? 5 TYR D OH  1 
ATOM   192 N N   . LEU D 1 6 ? 0.329  -6.658  -11.804 1.00 8.07  ? 6 LEU D N   1 
ATOM   193 C CA  . LEU D 1 6 ? 0.882  -7.929  -12.248 1.00 14.25 ? 6 LEU D CA  1 
ATOM   194 C C   . LEU D 1 6 ? 1.307  -7.983  -13.700 1.00 15.90 ? 6 LEU D C   1 
ATOM   195 O O   . LEU D 1 6 ? 1.627  -6.937  -14.296 1.00 34.72 ? 6 LEU D O   1 
ATOM   196 C CB  . LEU D 1 6 ? -0.193 -9.005  -11.965 1.00 16.14 ? 6 LEU D CB  1 
ATOM   197 C CG  . LEU D 1 6 ? -0.533 -9.140  -10.479 1.00 27.08 ? 6 LEU D CG  1 
ATOM   198 C CD1 . LEU D 1 6 ? -1.796 -9.957  -10.280 1.00 34.32 ? 6 LEU D CD1 1 
ATOM   199 C CD2 . LEU D 1 6 ? 0.637  -9.744  -9.721  1.00 36.72 ? 6 LEU D CD2 1 
ATOM   200 O OXT . LEU D 1 6 ? 1.325  -9.106  -14.238 1.00 40.98 ? 6 LEU D OXT 1 
HETATM 201 O O   . HOH E 2 . ? -1.816 6.291   -5.903  1.00 33.16 ? 7 HOH B O   1 
HETATM 202 O O   . HOH E 2 . ? -3.292 -2.139  6.201   1.00 29.08 ? 8 HOH B O   1 
HETATM 203 O O   . HOH F 2 . ? 0.262  -4.183  -14.016 1.00 40.60 ? 7 HOH D O   1 
HETATM 204 O O   . HOH F 2 . ? -2.122 -12.482 -1.883  1.00 23.41 ? 8 HOH D O   1 
# 
